data_8C05
#
_entry.id   8C05
#
_cell.length_a   56.350
_cell.length_b   56.350
_cell.length_c   318.040
_cell.angle_alpha   90.000
_cell.angle_beta   90.000
_cell.angle_gamma   120.000
#
_symmetry.space_group_name_H-M   'P 61 2 2'
#
loop_
_entity.id
_entity.type
_entity.pdbx_description
1 polymer 'Sensor domain-containing diguanylate cyclase'
2 non-polymer 'FLAVIN MONONUCLEOTIDE'
3 non-polymer DIPHOSPHATE
4 non-polymer 'MAGNESIUM ION'
#
_entity_poly.entity_id   1
_entity_poly.type   'polypeptide(L)'
_entity_poly.pdbx_seq_one_letter_code
;GGGGGGAMVEQYLLEAIVRDARDGITISDCSRPDNPLVFVNDAFTRMTGYDAEEVIGKNCRFLQRGDINLSAVHTIKIAM
LTHEPCLVTLKNYRKDGTIFWNELSLTPIINKNGLITHYLGIQKDVSAQVILNQTLHEENHLLKSNKEMLEYLVNIDALT
GLHNRRFLEDQLVIQWKLASRHINTITIFMIDIDYFKAFNDTYGHTAGDEALRTIAKTLNNCFMRGSDFVARYGGEEFTI
LAIGMTELQAHEYSTKLVQKIENLNIHHKGSPLGHLTISLGYSQANPQYHNDQNLVIEQADRALYSAKVEGKNRAVAYRE
Q
;
_entity_poly.pdbx_strand_id   A
#
# COMPACT_ATOMS: atom_id res chain seq x y z
N GLN A 11 26.13 -15.19 -11.42
CA GLN A 11 26.40 -15.59 -10.04
C GLN A 11 25.22 -16.36 -9.45
N TYR A 12 25.40 -17.66 -9.26
CA TYR A 12 24.35 -18.51 -8.71
C TYR A 12 24.39 -18.58 -7.19
N LEU A 13 25.57 -18.45 -6.58
CA LEU A 13 25.66 -18.38 -5.13
C LEU A 13 24.94 -17.15 -4.59
N LEU A 14 24.79 -16.09 -5.41
CA LEU A 14 24.09 -14.89 -4.98
C LEU A 14 22.72 -15.22 -4.40
N GLU A 15 22.05 -16.25 -4.93
CA GLU A 15 20.79 -16.70 -4.36
C GLU A 15 20.96 -17.14 -2.91
N ALA A 16 22.00 -17.92 -2.63
CA ALA A 16 22.22 -18.41 -1.27
C ALA A 16 22.63 -17.30 -0.33
N ILE A 17 23.39 -16.31 -0.82
CA ILE A 17 23.85 -15.23 0.06
C ILE A 17 22.71 -14.29 0.39
N VAL A 18 21.87 -13.97 -0.61
CA VAL A 18 20.70 -13.14 -0.35
C VAL A 18 19.70 -13.88 0.53
N ARG A 19 19.69 -15.22 0.46
CA ARG A 19 18.84 -16.01 1.35
C ARG A 19 19.11 -15.68 2.81
N ASP A 20 20.37 -15.39 3.15
CA ASP A 20 20.74 -14.97 4.49
C ASP A 20 20.62 -13.45 4.58
N ALA A 21 19.38 -12.98 4.65
CA ALA A 21 19.06 -11.56 4.71
C ALA A 21 18.55 -11.20 6.10
N ARG A 22 18.07 -9.97 6.25
CA ARG A 22 17.45 -9.51 7.49
C ARG A 22 15.95 -9.38 7.37
N ASP A 23 15.38 -9.59 6.19
CA ASP A 23 13.94 -9.69 6.00
C ASP A 23 13.57 -11.14 5.75
N GLY A 24 12.44 -11.57 6.30
CA GLY A 24 12.02 -12.95 6.16
C GLY A 24 11.73 -13.29 4.71
N ILE A 25 12.15 -14.49 4.31
CA ILE A 25 11.92 -15.00 2.96
C ILE A 25 11.22 -16.35 3.08
N THR A 26 10.02 -16.43 2.53
CA THR A 26 9.23 -17.66 2.58
C THR A 26 8.76 -18.03 1.17
N ILE A 27 8.68 -19.33 0.93
CA ILE A 27 8.17 -19.89 -0.32
C ILE A 27 7.04 -20.84 0.04
N SER A 28 5.91 -20.68 -0.64
CA SER A 28 4.73 -21.51 -0.39
C SER A 28 4.29 -22.20 -1.67
N ASP A 29 3.96 -23.48 -1.57
CA ASP A 29 3.51 -24.25 -2.72
C ASP A 29 2.04 -23.96 -3.01
N CYS A 30 1.75 -23.61 -4.26
CA CYS A 30 0.38 -23.32 -4.66
C CYS A 30 -0.35 -24.53 -5.22
N SER A 31 0.37 -25.59 -5.58
CA SER A 31 -0.29 -26.81 -6.05
C SER A 31 -1.07 -27.49 -4.95
N ARG A 32 -0.58 -27.42 -3.71
CA ARG A 32 -1.22 -27.97 -2.53
C ARG A 32 -2.23 -26.98 -1.96
N PRO A 33 -3.31 -27.47 -1.36
CA PRO A 33 -4.33 -26.56 -0.83
C PRO A 33 -3.82 -25.79 0.38
N ASP A 34 -4.48 -24.64 0.61
CA ASP A 34 -4.19 -23.71 1.71
C ASP A 34 -2.82 -23.07 1.58
N ASN A 35 -2.09 -23.32 0.49
CA ASN A 35 -0.78 -22.74 0.21
C ASN A 35 0.18 -22.97 1.37
N PRO A 36 0.65 -24.20 1.57
CA PRO A 36 1.56 -24.47 2.70
C PRO A 36 2.94 -23.91 2.44
N LEU A 37 3.59 -23.48 3.53
CA LEU A 37 4.95 -22.97 3.45
C LEU A 37 5.93 -24.10 3.14
N VAL A 38 6.66 -23.97 2.05
CA VAL A 38 7.61 -25.00 1.64
C VAL A 38 9.06 -24.60 1.90
N PHE A 39 9.34 -23.33 2.17
CA PHE A 39 10.70 -22.89 2.45
C PHE A 39 10.66 -21.74 3.44
N VAL A 40 11.65 -21.70 4.33
CA VAL A 40 11.79 -20.66 5.34
C VAL A 40 13.27 -20.36 5.51
N ASN A 41 13.65 -19.08 5.41
CA ASN A 41 15.03 -18.67 5.58
C ASN A 41 15.34 -18.41 7.04
N ASP A 42 16.59 -18.03 7.32
CA ASP A 42 17.00 -17.80 8.70
C ASP A 42 16.37 -16.53 9.26
N ALA A 43 16.20 -15.50 8.42
CA ALA A 43 15.63 -14.24 8.91
C ALA A 43 14.20 -14.41 9.39
N PHE A 44 13.45 -15.34 8.79
CA PHE A 44 12.07 -15.57 9.22
C PHE A 44 12.02 -16.13 10.63
N THR A 45 12.81 -17.16 10.91
CA THR A 45 12.82 -17.75 12.25
C THR A 45 13.33 -16.77 13.29
N ARG A 46 14.29 -15.91 12.92
CA ARG A 46 14.78 -14.91 13.85
C ARG A 46 13.73 -13.83 14.10
N MET A 47 12.94 -13.49 13.09
CA MET A 47 11.93 -12.43 13.25
C MET A 47 10.69 -12.93 13.97
N THR A 48 10.31 -14.19 13.75
CA THR A 48 9.06 -14.71 14.28
C THR A 48 9.23 -15.70 15.42
N GLY A 49 10.42 -16.29 15.58
CA GLY A 49 10.63 -17.29 16.60
C GLY A 49 10.19 -18.69 16.22
N TYR A 50 9.66 -18.88 15.02
CA TYR A 50 9.17 -20.18 14.55
C TYR A 50 10.26 -20.84 13.71
N ASP A 51 10.78 -21.96 14.19
CA ASP A 51 11.78 -22.71 13.45
C ASP A 51 11.15 -23.28 12.18
N ALA A 52 12.03 -23.68 11.24
CA ALA A 52 11.56 -24.21 9.97
C ALA A 52 10.82 -25.54 10.17
N GLU A 53 11.32 -26.38 11.08
CA GLU A 53 10.67 -27.66 11.34
C GLU A 53 9.23 -27.50 11.86
N GLU A 54 8.89 -26.32 12.37
CA GLU A 54 7.58 -26.11 12.97
C GLU A 54 6.55 -25.55 11.99
N VAL A 55 6.99 -25.05 10.83
CA VAL A 55 6.10 -24.27 9.97
C VAL A 55 6.06 -24.82 8.55
N ILE A 56 7.00 -25.70 8.21
CA ILE A 56 7.03 -26.26 6.86
C ILE A 56 5.80 -27.14 6.65
N GLY A 57 5.03 -26.85 5.61
CA GLY A 57 3.80 -27.55 5.33
C GLY A 57 2.57 -26.94 5.96
N LYS A 58 2.68 -25.75 6.55
CA LYS A 58 1.56 -25.08 7.20
C LYS A 58 1.36 -23.70 6.60
N ASN A 59 0.14 -23.20 6.72
CA ASN A 59 -0.17 -21.85 6.27
C ASN A 59 0.35 -20.83 7.27
N CYS A 60 0.88 -19.72 6.75
CA CYS A 60 1.52 -18.72 7.59
C CYS A 60 0.53 -17.88 8.42
N ARG A 61 -0.75 -18.25 8.52
CA ARG A 61 -1.70 -17.47 9.30
C ARG A 61 -1.50 -17.61 10.80
N PHE A 62 -0.58 -18.47 11.26
CA PHE A 62 -0.32 -18.59 12.69
C PHE A 62 0.25 -17.29 13.28
N LEU A 63 0.81 -16.42 12.45
CA LEU A 63 1.29 -15.14 12.94
C LEU A 63 0.16 -14.17 13.25
N GLN A 64 -1.04 -14.41 12.72
CA GLN A 64 -2.17 -13.53 12.90
C GLN A 64 -2.97 -13.92 14.14
N ARG A 65 -3.69 -12.95 14.68
CA ARG A 65 -4.60 -13.17 15.80
C ARG A 65 -5.89 -12.42 15.53
N GLY A 66 -6.74 -12.31 16.55
CA GLY A 66 -8.04 -11.70 16.39
C GLY A 66 -8.01 -10.21 16.11
N ASP A 67 -6.88 -9.55 16.38
CA ASP A 67 -6.75 -8.11 16.18
C ASP A 67 -6.21 -7.75 14.80
N ILE A 68 -6.06 -8.72 13.90
CA ILE A 68 -5.50 -8.45 12.59
C ILE A 68 -6.47 -7.63 11.76
N ASN A 69 -5.93 -6.79 10.88
CA ASN A 69 -6.75 -5.97 9.98
C ASN A 69 -7.47 -6.88 8.99
N LEU A 70 -8.80 -6.96 9.12
CA LEU A 70 -9.58 -7.84 8.27
C LEU A 70 -9.49 -7.42 6.79
N SER A 71 -9.36 -6.12 6.53
CA SER A 71 -9.26 -5.66 5.15
C SER A 71 -7.95 -6.10 4.51
N ALA A 72 -6.87 -6.12 5.29
CA ALA A 72 -5.58 -6.53 4.74
C ALA A 72 -5.53 -8.02 4.46
N VAL A 73 -6.08 -8.84 5.35
CA VAL A 73 -6.13 -10.28 5.12
C VAL A 73 -7.04 -10.60 3.94
N HIS A 74 -8.12 -9.84 3.78
CA HIS A 74 -9.01 -10.05 2.64
C HIS A 74 -8.30 -9.69 1.34
N THR A 75 -7.47 -8.65 1.37
CA THR A 75 -6.69 -8.30 0.18
C THR A 75 -5.70 -9.41 -0.17
N ILE A 76 -5.09 -10.03 0.85
CA ILE A 76 -4.20 -11.16 0.61
C ILE A 76 -4.95 -12.29 -0.08
N LYS A 77 -6.13 -12.64 0.45
CA LYS A 77 -6.89 -13.76 -0.09
C LYS A 77 -7.32 -13.50 -1.53
N ILE A 78 -7.82 -12.29 -1.80
CA ILE A 78 -8.27 -11.97 -3.15
C ILE A 78 -7.09 -12.00 -4.13
N ALA A 79 -5.95 -11.44 -3.72
CA ALA A 79 -4.79 -11.39 -4.60
C ALA A 79 -4.29 -12.79 -4.93
N MET A 80 -4.28 -13.70 -3.94
CA MET A 80 -3.81 -15.05 -4.20
C MET A 80 -4.78 -15.81 -5.10
N LEU A 81 -6.08 -15.56 -4.95
CA LEU A 81 -7.06 -16.21 -5.82
C LEU A 81 -7.02 -15.64 -7.23
N THR A 82 -6.73 -14.35 -7.38
CA THR A 82 -6.60 -13.73 -8.68
C THR A 82 -5.19 -13.83 -9.26
N HIS A 83 -4.28 -14.51 -8.55
CA HIS A 83 -2.91 -14.71 -9.01
C HIS A 83 -2.22 -13.37 -9.27
N GLU A 84 -2.31 -12.47 -8.28
CA GLU A 84 -1.74 -11.14 -8.38
C GLU A 84 -0.93 -10.84 -7.13
N PRO A 85 0.11 -10.01 -7.25
CA PRO A 85 0.90 -9.63 -6.08
C PRO A 85 0.14 -8.64 -5.20
N CYS A 86 0.63 -8.49 -3.98
CA CYS A 86 0.03 -7.55 -3.04
C CYS A 86 1.07 -7.15 -2.00
N LEU A 87 0.91 -5.95 -1.45
CA LEU A 87 1.77 -5.43 -0.40
C LEU A 87 0.88 -4.93 0.74
N VAL A 88 0.95 -5.60 1.88
CA VAL A 88 0.10 -5.29 3.01
C VAL A 88 0.94 -5.15 4.26
N THR A 89 0.46 -4.36 5.22
CA THR A 89 1.07 -4.20 6.53
C THR A 89 0.19 -4.88 7.56
N LEU A 90 0.76 -5.84 8.28
CA LEU A 90 -0.01 -6.68 9.18
C LEU A 90 0.58 -6.63 10.58
N LYS A 91 -0.28 -6.89 11.57
CA LYS A 91 0.13 -6.98 12.97
C LYS A 91 0.27 -8.46 13.32
N ASN A 92 1.51 -8.95 13.34
CA ASN A 92 1.79 -10.35 13.59
C ASN A 92 2.35 -10.55 14.99
N TYR A 93 2.17 -11.77 15.49
CA TYR A 93 2.62 -12.16 16.82
C TYR A 93 3.71 -13.22 16.70
N ARG A 94 4.80 -13.05 17.44
CA ARG A 94 5.84 -14.05 17.47
C ARG A 94 5.39 -15.25 18.29
N LYS A 95 6.22 -16.31 18.26
CA LYS A 95 5.90 -17.50 19.05
C LYS A 95 5.92 -17.21 20.55
N ASP A 96 6.80 -16.29 20.99
CA ASP A 96 6.85 -15.93 22.40
C ASP A 96 5.66 -15.09 22.84
N GLY A 97 4.93 -14.49 21.90
CA GLY A 97 3.80 -13.65 22.22
C GLY A 97 4.02 -12.18 21.95
N THR A 98 5.25 -11.76 21.67
CA THR A 98 5.51 -10.36 21.36
C THR A 98 4.89 -10.00 20.02
N ILE A 99 4.84 -8.70 19.75
CA ILE A 99 4.15 -8.15 18.58
C ILE A 99 5.18 -7.43 17.71
N PHE A 100 5.13 -7.69 16.41
CA PHE A 100 5.94 -6.97 15.43
C PHE A 100 5.08 -6.65 14.22
N TRP A 101 5.27 -5.46 13.68
CA TRP A 101 4.51 -5.02 12.51
C TRP A 101 5.22 -5.47 11.24
N ASN A 102 4.50 -6.20 10.39
CA ASN A 102 5.07 -6.88 9.25
C ASN A 102 4.50 -6.29 7.96
N GLU A 103 5.38 -5.74 7.13
CA GLU A 103 5.02 -5.33 5.77
C GLU A 103 5.30 -6.52 4.86
N LEU A 104 4.26 -7.27 4.53
CA LEU A 104 4.39 -8.50 3.77
C LEU A 104 4.17 -8.24 2.29
N SER A 105 5.12 -8.67 1.48
CA SER A 105 5.02 -8.57 0.02
C SER A 105 4.87 -9.98 -0.55
N LEU A 106 3.71 -10.23 -1.18
CA LEU A 106 3.46 -11.49 -1.85
C LEU A 106 3.60 -11.29 -3.36
N THR A 107 4.23 -12.27 -4.02
CA THR A 107 4.47 -12.17 -5.45
C THR A 107 4.44 -13.57 -6.05
N PRO A 108 3.70 -13.77 -7.14
CA PRO A 108 3.68 -15.09 -7.77
C PRO A 108 5.00 -15.41 -8.45
N ILE A 109 5.18 -16.71 -8.73
CA ILE A 109 6.38 -17.21 -9.41
C ILE A 109 5.92 -17.92 -10.68
N ILE A 110 6.34 -17.41 -11.83
CA ILE A 110 5.91 -17.90 -13.13
C ILE A 110 7.14 -18.24 -13.96
N ASN A 111 7.40 -19.53 -14.15
CA ASN A 111 8.55 -20.01 -14.92
C ASN A 111 8.05 -20.60 -16.23
N LYS A 112 8.38 -19.93 -17.34
CA LYS A 112 8.02 -20.38 -18.69
C LYS A 112 6.51 -20.64 -18.78
N ASN A 113 5.74 -19.62 -18.43
CA ASN A 113 4.28 -19.65 -18.35
C ASN A 113 3.78 -20.66 -17.32
N GLY A 114 4.67 -21.26 -16.54
CA GLY A 114 4.25 -22.06 -15.40
C GLY A 114 3.63 -21.16 -14.35
N LEU A 115 2.38 -20.78 -14.58
CA LEU A 115 1.74 -19.75 -13.77
C LEU A 115 1.61 -20.19 -12.31
N ILE A 116 1.92 -19.27 -11.41
CA ILE A 116 1.78 -19.39 -9.95
C ILE A 116 2.12 -20.80 -9.47
N THR A 117 3.32 -21.26 -9.80
CA THR A 117 3.80 -22.51 -9.23
C THR A 117 4.02 -22.38 -7.72
N HIS A 118 4.54 -21.24 -7.27
CA HIS A 118 4.72 -20.96 -5.87
C HIS A 118 4.43 -19.49 -5.61
N TYR A 119 4.54 -19.09 -4.35
CA TYR A 119 4.34 -17.70 -3.93
C TYR A 119 5.51 -17.27 -3.06
N LEU A 120 5.96 -16.03 -3.25
CA LEU A 120 7.08 -15.47 -2.51
C LEU A 120 6.56 -14.50 -1.45
N GLY A 121 6.91 -14.77 -0.19
CA GLY A 121 6.51 -13.90 0.89
C GLY A 121 7.70 -13.26 1.60
N ILE A 122 7.84 -11.95 1.47
CA ILE A 122 8.95 -11.21 2.07
C ILE A 122 8.40 -10.42 3.25
N GLN A 123 8.85 -10.78 4.45
CA GLN A 123 8.41 -10.12 5.68
C GLN A 123 9.48 -9.12 6.12
N LYS A 124 9.06 -7.88 6.33
CA LYS A 124 9.96 -6.80 6.76
C LYS A 124 9.44 -6.21 8.06
N ASP A 125 10.25 -6.28 9.11
CA ASP A 125 9.86 -5.73 10.40
C ASP A 125 9.84 -4.21 10.31
N VAL A 126 8.64 -3.63 10.29
CA VAL A 126 8.49 -2.18 10.19
C VAL A 126 7.86 -1.64 11.47
N SER A 127 8.09 -2.32 12.60
CA SER A 127 7.47 -1.93 13.85
C SER A 127 7.87 -0.52 14.25
N ALA A 128 9.17 -0.20 14.16
CA ALA A 128 9.64 1.12 14.56
C ALA A 128 9.05 2.21 13.66
N GLN A 129 8.88 1.91 12.38
CA GLN A 129 8.32 2.89 11.45
C GLN A 129 6.86 3.21 11.81
N VAL A 130 6.08 2.19 12.16
CA VAL A 130 4.69 2.41 12.52
C VAL A 130 4.59 3.24 13.80
N ILE A 131 5.39 2.90 14.81
CA ILE A 131 5.29 3.59 16.09
C ILE A 131 5.81 5.02 15.97
N LEU A 132 6.90 5.23 15.23
CA LEU A 132 7.44 6.57 15.08
C LEU A 132 6.49 7.46 14.30
N ASN A 133 5.97 6.97 13.18
CA ASN A 133 5.06 7.77 12.35
C ASN A 133 3.76 8.07 13.08
N GLN A 134 3.31 7.17 13.96
CA GLN A 134 2.12 7.45 14.76
C GLN A 134 2.38 8.56 15.77
N THR A 135 3.59 8.60 16.34
CA THR A 135 3.95 9.65 17.28
C THR A 135 4.30 10.97 16.59
N LEU A 136 4.33 11.00 15.26
CA LEU A 136 4.69 12.24 14.56
C LEU A 136 3.58 13.26 14.57
N HIS A 137 2.32 12.82 14.56
CA HIS A 137 1.22 13.79 14.60
C HIS A 137 1.07 14.42 15.97
N GLU A 138 1.53 13.74 17.02
CA GLU A 138 1.73 14.41 18.30
C GLU A 138 3.05 15.16 18.28
N GLU A 139 3.21 16.10 19.22
CA GLU A 139 4.45 16.85 19.30
C GLU A 139 5.63 15.95 19.65
N ASN A 140 5.46 15.10 20.66
CA ASN A 140 6.49 14.15 21.07
C ASN A 140 7.81 14.83 21.38
N SER A 145 13.02 19.42 17.30
CA SER A 145 14.01 19.42 18.36
C SER A 145 15.26 18.64 17.95
N ASN A 146 15.13 17.32 17.86
CA ASN A 146 16.24 16.47 17.46
C ASN A 146 16.58 16.72 15.99
N LYS A 147 17.88 16.87 15.72
CA LYS A 147 18.31 17.10 14.33
C LYS A 147 17.99 15.90 13.45
N GLU A 148 18.31 14.69 13.93
CA GLU A 148 18.08 13.49 13.14
C GLU A 148 16.60 13.24 12.91
N MET A 149 15.75 13.66 13.85
CA MET A 149 14.31 13.52 13.66
C MET A 149 13.82 14.50 12.59
N LEU A 150 14.40 15.69 12.53
CA LEU A 150 14.00 16.66 11.52
C LEU A 150 14.45 16.22 10.13
N GLU A 151 15.61 15.56 10.03
CA GLU A 151 16.04 14.99 8.76
C GLU A 151 15.07 13.91 8.29
N TYR A 152 14.48 13.17 9.21
CA TYR A 152 13.49 12.16 8.85
C TYR A 152 12.18 12.81 8.43
N LEU A 153 11.77 13.88 9.13
CA LEU A 153 10.52 14.58 8.83
C LEU A 153 10.59 15.37 7.53
N VAL A 154 11.73 15.38 6.84
CA VAL A 154 11.83 16.09 5.57
C VAL A 154 10.90 15.48 4.53
N ASN A 155 10.84 14.14 4.48
CA ASN A 155 10.04 13.43 3.49
C ASN A 155 8.78 12.82 4.10
N ILE A 156 8.38 13.25 5.30
CA ILE A 156 7.23 12.69 6.00
C ILE A 156 6.30 13.82 6.40
N ASP A 157 5.01 13.68 6.08
CA ASP A 157 4.00 14.61 6.57
C ASP A 157 3.70 14.32 8.03
N ALA A 158 3.71 15.36 8.86
CA ALA A 158 3.56 15.17 10.30
C ALA A 158 2.16 14.71 10.65
N LEU A 159 1.13 15.30 10.03
CA LEU A 159 -0.25 15.01 10.41
C LEU A 159 -0.61 13.56 10.10
N THR A 160 -0.47 13.16 8.83
CA THR A 160 -0.92 11.83 8.42
C THR A 160 0.14 10.76 8.71
N GLY A 161 1.41 11.14 8.76
CA GLY A 161 2.48 10.17 8.87
C GLY A 161 2.92 9.56 7.55
N LEU A 162 2.24 9.87 6.45
CA LEU A 162 2.58 9.34 5.15
C LEU A 162 3.77 10.11 4.57
N HIS A 163 4.19 9.71 3.39
CA HIS A 163 5.21 10.45 2.66
C HIS A 163 4.63 11.78 2.18
N ASN A 164 5.52 12.75 1.97
CA ASN A 164 5.11 14.09 1.57
C ASN A 164 5.15 14.24 0.06
N ARG A 165 4.83 15.45 -0.40
CA ARG A 165 4.84 15.72 -1.85
C ARG A 165 6.24 15.65 -2.43
N ARG A 166 7.27 15.95 -1.62
CA ARG A 166 8.64 15.83 -2.10
C ARG A 166 8.99 14.37 -2.42
N PHE A 167 8.59 13.45 -1.55
CA PHE A 167 8.87 12.03 -1.79
C PHE A 167 8.18 11.55 -3.05
N LEU A 168 6.97 12.05 -3.32
CA LEU A 168 6.23 11.64 -4.51
C LEU A 168 6.93 12.12 -5.77
N GLU A 169 7.30 13.40 -5.82
CA GLU A 169 7.90 13.96 -7.03
C GLU A 169 9.27 13.35 -7.30
N ASP A 170 10.06 13.10 -6.26
CA ASP A 170 11.36 12.48 -6.46
C ASP A 170 11.20 11.04 -6.92
N GLN A 171 10.32 10.27 -6.25
CA GLN A 171 10.06 8.91 -6.71
C GLN A 171 9.46 8.90 -8.11
N LEU A 172 8.70 9.93 -8.47
CA LEU A 172 8.14 9.98 -9.82
C LEU A 172 9.24 10.04 -10.87
N VAL A 173 10.33 10.76 -10.58
CA VAL A 173 11.46 10.81 -11.50
C VAL A 173 12.21 9.49 -11.50
N ILE A 174 12.46 8.95 -10.30
CA ILE A 174 13.24 7.71 -10.18
C ILE A 174 12.50 6.55 -10.81
N GLN A 175 11.25 6.34 -10.40
CA GLN A 175 10.48 5.20 -10.88
C GLN A 175 10.09 5.34 -12.34
N TRP A 176 10.07 6.56 -12.88
CA TRP A 176 9.85 6.74 -14.31
C TRP A 176 11.01 6.17 -15.11
N LYS A 177 12.24 6.43 -14.67
CA LYS A 177 13.40 5.86 -15.34
C LYS A 177 13.44 4.34 -15.18
N LEU A 178 13.04 3.84 -14.01
CA LEU A 178 13.02 2.40 -13.79
C LEU A 178 11.94 1.73 -14.64
N ALA A 179 10.76 2.35 -14.74
CA ALA A 179 9.67 1.77 -15.52
C ALA A 179 10.01 1.74 -17.00
N SER A 180 10.66 2.79 -17.50
CA SER A 180 11.06 2.83 -18.91
C SER A 180 12.12 1.79 -19.22
N ARG A 181 12.83 1.30 -18.21
CA ARG A 181 13.87 0.30 -18.44
C ARG A 181 13.26 -1.10 -18.59
N HIS A 182 12.31 -1.45 -17.73
CA HIS A 182 11.68 -2.76 -17.75
C HIS A 182 10.35 -2.77 -18.48
N ILE A 183 10.00 -1.67 -19.16
CA ILE A 183 8.74 -1.52 -19.87
C ILE A 183 7.58 -1.81 -18.92
N ASN A 184 7.58 -1.12 -17.78
CA ASN A 184 6.50 -1.24 -16.80
C ASN A 184 5.65 0.03 -16.83
N THR A 185 4.37 -0.14 -16.51
CA THR A 185 3.44 0.97 -16.53
C THR A 185 3.56 1.81 -15.27
N ILE A 186 3.26 3.10 -15.39
CA ILE A 186 3.23 4.02 -14.26
C ILE A 186 1.81 4.55 -14.13
N THR A 187 1.22 4.38 -12.95
CA THR A 187 -0.15 4.81 -12.68
C THR A 187 -0.14 5.75 -11.49
N ILE A 188 -0.79 6.90 -11.63
CA ILE A 188 -0.89 7.91 -10.58
C ILE A 188 -2.36 8.11 -10.24
N PHE A 189 -2.68 7.98 -8.95
CA PHE A 189 -4.04 8.15 -8.45
C PHE A 189 -4.12 9.48 -7.71
N MET A 190 -5.01 10.36 -8.17
CA MET A 190 -5.28 11.62 -7.49
C MET A 190 -6.53 11.47 -6.64
N ILE A 191 -6.37 11.58 -5.32
CA ILE A 191 -7.43 11.33 -4.36
C ILE A 191 -7.75 12.64 -3.65
N ASP A 192 -9.03 12.99 -3.59
CA ASP A 192 -9.48 14.21 -2.93
C ASP A 192 -10.70 13.91 -2.07
N ILE A 193 -10.74 14.52 -0.89
CA ILE A 193 -11.86 14.33 0.03
C ILE A 193 -13.02 15.20 -0.40
N ASP A 194 -14.20 14.61 -0.48
CA ASP A 194 -15.41 15.31 -0.93
C ASP A 194 -16.06 16.05 0.24
N TYR A 195 -16.43 17.31 -0.01
CA TYR A 195 -17.10 18.15 0.99
C TYR A 195 -16.26 18.27 2.26
N PHE A 196 -14.95 18.42 2.09
CA PHE A 196 -14.06 18.47 3.25
C PHE A 196 -14.23 19.77 4.03
N LYS A 197 -14.52 20.88 3.35
CA LYS A 197 -14.75 22.13 4.06
C LYS A 197 -16.04 22.07 4.86
N ALA A 198 -17.03 21.29 4.40
CA ALA A 198 -18.24 21.11 5.18
C ALA A 198 -17.99 20.25 6.41
N PHE A 199 -17.04 19.32 6.32
CA PHE A 199 -16.69 18.52 7.49
C PHE A 199 -15.93 19.34 8.52
N ASN A 200 -15.07 20.26 8.06
CA ASN A 200 -14.30 21.09 8.96
C ASN A 200 -15.14 22.19 9.59
N ASP A 201 -16.15 22.69 8.87
CA ASP A 201 -16.98 23.75 9.41
C ASP A 201 -18.00 23.22 10.41
N THR A 202 -18.65 22.11 10.07
CA THR A 202 -19.69 21.56 10.95
C THR A 202 -19.09 20.78 12.11
N TYR A 203 -18.27 19.76 11.80
CA TYR A 203 -17.73 18.90 12.84
C TYR A 203 -16.57 19.56 13.58
N GLY A 204 -15.72 20.30 12.86
CA GLY A 204 -14.57 20.94 13.47
C GLY A 204 -13.30 20.63 12.70
N HIS A 205 -12.33 21.55 12.80
CA HIS A 205 -11.07 21.36 12.09
C HIS A 205 -10.26 20.23 12.68
N THR A 206 -10.33 20.05 14.01
CA THR A 206 -9.60 18.95 14.63
C THR A 206 -10.17 17.60 14.17
N ALA A 207 -11.49 17.47 14.12
CA ALA A 207 -12.10 16.25 13.61
C ALA A 207 -11.74 16.02 12.15
N GLY A 208 -11.61 17.09 11.36
CA GLY A 208 -11.15 16.94 10.00
C GLY A 208 -9.73 16.40 9.92
N ASP A 209 -8.88 16.77 10.88
CA ASP A 209 -7.54 16.20 10.93
C ASP A 209 -7.60 14.74 11.37
N GLU A 210 -8.50 14.41 12.29
CA GLU A 210 -8.69 13.01 12.66
C GLU A 210 -9.24 12.20 11.50
N ALA A 211 -10.13 12.80 10.70
CA ALA A 211 -10.61 12.13 9.50
C ALA A 211 -9.51 12.00 8.45
N LEU A 212 -8.59 12.97 8.40
CA LEU A 212 -7.45 12.87 7.50
C LEU A 212 -6.55 11.69 7.90
N ARG A 213 -6.33 11.50 9.20
CA ARG A 213 -5.51 10.38 9.65
C ARG A 213 -6.20 9.05 9.35
N THR A 214 -7.50 8.96 9.62
CA THR A 214 -8.23 7.71 9.39
C THR A 214 -8.22 7.33 7.91
N ILE A 215 -8.45 8.31 7.03
CA ILE A 215 -8.39 8.05 5.59
C ILE A 215 -6.95 7.72 5.17
N ALA A 216 -5.97 8.41 5.74
CA ALA A 216 -4.58 8.13 5.40
C ALA A 216 -4.16 6.73 5.85
N LYS A 217 -4.57 6.33 7.04
CA LYS A 217 -4.26 4.98 7.52
C LYS A 217 -4.92 3.91 6.67
N THR A 218 -6.10 4.22 6.11
CA THR A 218 -6.80 3.24 5.28
C THR A 218 -6.17 3.13 3.89
N LEU A 219 -5.73 4.27 3.32
CA LEU A 219 -5.11 4.24 2.01
C LEU A 219 -3.72 3.61 2.06
N ASN A 220 -2.99 3.80 3.15
CA ASN A 220 -1.60 3.35 3.24
C ASN A 220 -1.53 1.86 3.61
N ASN A 221 -2.17 1.05 2.78
CA ASN A 221 -2.18 -0.40 2.96
C ASN A 221 -2.78 -1.04 1.72
N CYS A 222 -2.60 -2.35 1.61
CA CYS A 222 -3.19 -3.15 0.54
C CYS A 222 -2.76 -2.66 -0.84
N PHE A 223 -1.48 -2.38 -0.99
CA PHE A 223 -0.94 -2.05 -2.30
C PHE A 223 -0.71 -3.32 -3.11
N MET A 224 -0.37 -3.13 -4.39
CA MET A 224 -0.14 -4.28 -5.27
C MET A 224 1.31 -4.73 -5.29
N ARG A 225 2.26 -3.80 -5.22
CA ARG A 225 3.67 -4.14 -5.31
C ARG A 225 4.48 -3.30 -4.34
N GLY A 226 5.69 -3.78 -4.05
CA GLY A 226 6.55 -3.14 -3.06
C GLY A 226 7.00 -1.74 -3.43
N SER A 227 7.03 -1.42 -4.72
CA SER A 227 7.41 -0.07 -5.16
C SER A 227 6.29 0.93 -4.98
N ASP A 228 5.05 0.48 -4.81
CA ASP A 228 3.91 1.38 -4.70
C ASP A 228 3.86 2.02 -3.32
N PHE A 229 3.24 3.19 -3.26
CA PHE A 229 3.13 3.94 -2.01
C PHE A 229 2.05 5.00 -2.16
N VAL A 230 1.67 5.60 -1.03
CA VAL A 230 0.73 6.71 -1.00
C VAL A 230 1.40 7.88 -0.30
N ALA A 231 1.06 9.08 -0.76
CA ALA A 231 1.60 10.31 -0.19
C ALA A 231 0.49 11.34 -0.08
N ARG A 232 0.71 12.32 0.80
CA ARG A 232 -0.22 13.43 0.99
C ARG A 232 0.21 14.59 0.10
N TYR A 233 -0.54 14.82 -0.98
CA TYR A 233 -0.20 15.87 -1.92
C TYR A 233 -0.61 17.25 -1.41
N GLY A 234 -1.82 17.36 -0.88
CA GLY A 234 -2.30 18.62 -0.34
C GLY A 234 -2.93 18.47 1.03
N GLY A 235 -3.57 19.52 1.53
CA GLY A 235 -4.23 19.45 2.81
C GLY A 235 -5.36 18.44 2.83
N GLU A 236 -6.07 18.30 1.72
CA GLU A 236 -7.13 17.30 1.59
C GLU A 236 -6.87 16.33 0.45
N GLU A 237 -5.67 16.35 -0.14
CA GLU A 237 -5.38 15.61 -1.36
C GLU A 237 -4.33 14.54 -1.07
N PHE A 238 -4.53 13.36 -1.65
CA PHE A 238 -3.59 12.26 -1.56
C PHE A 238 -3.24 11.78 -2.96
N THR A 239 -2.08 11.14 -3.07
CA THR A 239 -1.60 10.62 -4.35
C THR A 239 -0.97 9.26 -4.15
N ILE A 240 -1.25 8.34 -5.07
CA ILE A 240 -0.73 6.99 -5.02
C ILE A 240 0.01 6.70 -6.32
N LEU A 241 1.23 6.20 -6.20
CA LEU A 241 2.04 5.80 -7.35
C LEU A 241 2.14 4.29 -7.39
N ALA A 242 1.87 3.70 -8.56
CA ALA A 242 1.92 2.26 -8.73
C ALA A 242 2.63 1.93 -10.03
N ILE A 243 3.29 0.77 -10.05
CA ILE A 243 4.09 0.34 -11.19
C ILE A 243 3.65 -1.05 -11.61
N GLY A 244 3.60 -1.28 -12.93
CA GLY A 244 3.37 -2.61 -13.45
C GLY A 244 1.94 -3.11 -13.38
N MET A 245 0.96 -2.20 -13.29
CA MET A 245 -0.44 -2.58 -13.25
C MET A 245 -1.05 -2.48 -14.64
N THR A 246 -1.88 -3.45 -14.98
CA THR A 246 -2.65 -3.39 -16.21
C THR A 246 -3.80 -2.40 -16.05
N GLU A 247 -4.59 -2.24 -17.11
CA GLU A 247 -5.70 -1.29 -17.05
C GLU A 247 -6.82 -1.82 -16.17
N LEU A 248 -7.07 -3.13 -16.19
CA LEU A 248 -8.12 -3.71 -15.36
C LEU A 248 -7.76 -3.65 -13.89
N GLN A 249 -6.49 -3.94 -13.56
CA GLN A 249 -6.07 -3.88 -12.16
C GLN A 249 -6.13 -2.47 -11.62
N ALA A 250 -5.82 -1.48 -12.46
CA ALA A 250 -5.87 -0.09 -12.01
C ALA A 250 -7.31 0.36 -11.76
N HIS A 251 -8.24 -0.10 -12.60
CA HIS A 251 -9.64 0.25 -12.42
C HIS A 251 -10.22 -0.39 -11.16
N GLU A 252 -9.86 -1.65 -10.91
CA GLU A 252 -10.35 -2.33 -9.70
C GLU A 252 -9.72 -1.74 -8.45
N TYR A 253 -8.42 -1.47 -8.49
CA TYR A 253 -7.74 -0.90 -7.32
C TYR A 253 -8.31 0.47 -6.97
N SER A 254 -8.57 1.30 -7.98
CA SER A 254 -9.12 2.62 -7.71
C SER A 254 -10.57 2.54 -7.23
N THR A 255 -11.34 1.60 -7.78
CA THR A 255 -12.72 1.44 -7.33
C THR A 255 -12.78 0.95 -5.88
N LYS A 256 -11.96 -0.05 -5.55
CA LYS A 256 -11.97 -0.59 -4.20
C LYS A 256 -11.49 0.42 -3.17
N LEU A 257 -10.59 1.32 -3.56
CA LEU A 257 -10.14 2.36 -2.64
C LEU A 257 -11.26 3.32 -2.29
N VAL A 258 -12.04 3.74 -3.30
CA VAL A 258 -13.19 4.61 -3.04
C VAL A 258 -14.21 3.88 -2.18
N GLN A 259 -14.36 2.57 -2.38
CA GLN A 259 -15.29 1.79 -1.58
C GLN A 259 -14.79 1.61 -0.15
N LYS A 260 -13.47 1.50 0.03
CA LYS A 260 -12.92 1.33 1.37
C LYS A 260 -13.16 2.57 2.23
N ILE A 261 -12.96 3.76 1.65
CA ILE A 261 -13.27 4.99 2.38
C ILE A 261 -14.77 5.09 2.64
N GLU A 262 -15.58 4.61 1.69
CA GLU A 262 -17.03 4.62 1.89
C GLU A 262 -17.43 3.66 3.00
N ASN A 263 -16.76 2.50 3.09
CA ASN A 263 -17.08 1.54 4.14
C ASN A 263 -16.59 2.00 5.51
N LEU A 264 -15.66 2.95 5.55
CA LEU A 264 -15.29 3.55 6.84
C LEU A 264 -16.50 4.22 7.48
N ASN A 265 -17.37 4.82 6.66
CA ASN A 265 -18.65 5.37 7.09
C ASN A 265 -18.48 6.40 8.21
N ILE A 266 -17.48 7.27 8.05
CA ILE A 266 -17.34 8.42 8.94
C ILE A 266 -18.49 9.37 8.66
N HIS A 267 -19.37 9.55 9.64
CA HIS A 267 -20.58 10.33 9.44
C HIS A 267 -20.25 11.76 9.03
N HIS A 268 -20.70 12.14 7.83
CA HIS A 268 -20.55 13.49 7.30
C HIS A 268 -21.93 14.08 7.08
N LYS A 269 -22.25 15.13 7.83
CA LYS A 269 -23.55 15.79 7.71
C LYS A 269 -23.64 16.62 6.44
N GLY A 270 -22.55 17.26 6.04
CA GLY A 270 -22.58 18.10 4.85
C GLY A 270 -22.62 17.30 3.56
N SER A 271 -22.13 16.07 3.59
CA SER A 271 -22.17 15.23 2.40
C SER A 271 -23.59 14.73 2.17
N PRO A 272 -24.13 14.87 0.95
CA PRO A 272 -25.48 14.34 0.69
C PRO A 272 -25.60 12.84 0.87
N LEU A 273 -24.49 12.11 0.75
CA LEU A 273 -24.48 10.67 0.98
C LEU A 273 -24.55 10.30 2.45
N GLY A 274 -24.34 11.25 3.35
CA GLY A 274 -24.32 10.99 4.77
C GLY A 274 -22.97 10.59 5.33
N HIS A 275 -22.04 10.20 4.47
CA HIS A 275 -20.70 9.80 4.88
C HIS A 275 -19.69 10.44 3.94
N LEU A 276 -18.53 10.81 4.49
CA LEU A 276 -17.50 11.41 3.66
C LEU A 276 -16.99 10.37 2.66
N THR A 277 -16.75 10.82 1.44
CA THR A 277 -16.36 9.96 0.33
C THR A 277 -15.03 10.42 -0.24
N ILE A 278 -14.61 9.77 -1.33
CA ILE A 278 -13.35 10.07 -1.99
C ILE A 278 -13.60 10.13 -3.49
N SER A 279 -13.21 11.23 -4.11
CA SER A 279 -13.18 11.33 -5.56
C SER A 279 -11.78 10.96 -6.04
N LEU A 280 -11.71 10.05 -7.02
CA LEU A 280 -10.44 9.53 -7.50
C LEU A 280 -10.35 9.74 -9.00
N GLY A 281 -9.24 10.32 -9.45
CA GLY A 281 -8.96 10.45 -10.86
C GLY A 281 -7.57 9.96 -11.18
N TYR A 282 -7.46 8.81 -11.84
CA TYR A 282 -6.18 8.18 -12.10
C TYR A 282 -5.88 8.15 -13.59
N SER A 283 -4.59 8.08 -13.91
CA SER A 283 -4.11 8.02 -15.28
C SER A 283 -2.93 7.07 -15.35
N GLN A 284 -2.98 6.12 -16.28
CA GLN A 284 -1.92 5.15 -16.49
C GLN A 284 -1.22 5.45 -17.81
N ALA A 285 0.11 5.37 -17.79
CA ALA A 285 0.91 5.65 -18.98
C ALA A 285 2.08 4.68 -19.05
N ASN A 286 2.61 4.51 -20.25
CA ASN A 286 3.81 3.71 -20.48
C ASN A 286 4.99 4.65 -20.61
N PRO A 287 5.86 4.77 -19.60
CA PRO A 287 6.92 5.78 -19.65
C PRO A 287 7.93 5.57 -20.76
N GLN A 288 8.05 4.34 -21.29
CA GLN A 288 9.04 4.08 -22.32
C GLN A 288 8.70 4.81 -23.62
N TYR A 289 7.42 5.07 -23.88
CA TYR A 289 7.01 5.67 -25.15
C TYR A 289 7.28 7.17 -25.16
N HIS A 290 6.55 7.93 -24.36
CA HIS A 290 6.61 9.39 -24.45
C HIS A 290 7.65 10.02 -23.53
N ASN A 291 7.93 9.41 -22.37
CA ASN A 291 8.96 9.91 -21.45
C ASN A 291 8.68 11.36 -21.04
N ASP A 292 7.40 11.69 -20.86
CA ASP A 292 6.97 13.04 -20.51
C ASP A 292 6.43 13.01 -19.08
N GLN A 293 7.25 13.44 -18.14
CA GLN A 293 6.83 13.51 -16.74
C GLN A 293 5.82 14.64 -16.54
N ASN A 294 5.12 14.58 -15.41
CA ASN A 294 4.13 15.58 -15.00
C ASN A 294 2.89 15.57 -15.90
N LEU A 295 2.98 14.89 -17.05
CA LEU A 295 1.80 14.74 -17.89
C LEU A 295 0.79 13.80 -17.24
N VAL A 296 1.28 12.76 -16.56
CA VAL A 296 0.39 11.82 -15.91
C VAL A 296 -0.34 12.50 -14.74
N ILE A 297 0.37 13.36 -14.01
CA ILE A 297 -0.26 14.07 -12.90
C ILE A 297 -1.31 15.04 -13.42
N GLU A 298 -1.00 15.76 -14.51
CA GLU A 298 -1.97 16.66 -15.11
C GLU A 298 -3.20 15.90 -15.58
N GLN A 299 -3.00 14.75 -16.22
CA GLN A 299 -4.13 13.94 -16.67
C GLN A 299 -4.92 13.38 -15.48
N ALA A 300 -4.22 13.00 -14.41
CA ALA A 300 -4.90 12.48 -13.24
C ALA A 300 -5.68 13.57 -12.51
N ASP A 301 -5.18 14.82 -12.56
CA ASP A 301 -5.91 15.91 -11.93
C ASP A 301 -7.14 16.30 -12.73
N ARG A 302 -7.06 16.20 -14.06
CA ARG A 302 -8.25 16.42 -14.89
C ARG A 302 -9.27 15.32 -14.70
N ALA A 303 -8.81 14.09 -14.48
CA ALA A 303 -9.74 13.00 -14.19
C ALA A 303 -10.35 13.15 -12.80
N LEU A 304 -9.61 13.70 -11.85
CA LEU A 304 -10.19 14.00 -10.54
C LEU A 304 -11.27 15.05 -10.64
N TYR A 305 -11.06 16.07 -11.47
CA TYR A 305 -12.08 17.09 -11.68
C TYR A 305 -13.34 16.48 -12.30
N SER A 306 -13.16 15.57 -13.27
CA SER A 306 -14.32 14.90 -13.86
C SER A 306 -14.99 13.96 -12.87
N ALA A 307 -14.21 13.32 -12.00
CA ALA A 307 -14.79 12.40 -11.02
C ALA A 307 -15.63 13.12 -9.98
N LYS A 308 -15.42 14.42 -9.79
CA LYS A 308 -16.21 15.17 -8.82
C LYS A 308 -17.67 15.22 -9.25
N VAL A 309 -17.93 15.67 -10.48
CA VAL A 309 -19.30 15.84 -10.95
C VAL A 309 -19.90 14.55 -11.50
N GLU A 310 -19.06 13.60 -11.92
CA GLU A 310 -19.59 12.37 -12.52
C GLU A 310 -20.26 11.48 -11.47
N GLY A 311 -19.63 11.33 -10.31
CA GLY A 311 -20.18 10.45 -9.29
C GLY A 311 -19.99 10.95 -7.88
N LYS A 312 -18.95 11.78 -7.67
CA LYS A 312 -18.61 12.34 -6.36
C LYS A 312 -18.18 11.27 -5.36
N ASN A 313 -18.30 10.00 -5.75
CA ASN A 313 -17.88 8.87 -4.94
C ASN A 313 -17.48 7.75 -5.89
N ARG A 314 -16.57 8.06 -6.82
CA ARG A 314 -16.22 7.14 -7.89
C ARG A 314 -14.80 7.42 -8.34
N ALA A 315 -14.25 6.49 -9.13
CA ALA A 315 -12.95 6.62 -9.74
C ALA A 315 -13.10 6.79 -11.25
N VAL A 316 -12.52 7.85 -11.79
CA VAL A 316 -12.60 8.16 -13.21
C VAL A 316 -11.20 8.09 -13.81
N ALA A 317 -11.06 7.32 -14.88
CA ALA A 317 -9.77 7.18 -15.58
C ALA A 317 -9.69 8.20 -16.70
N TYR A 318 -8.56 8.89 -16.78
CA TYR A 318 -8.30 9.80 -17.89
C TYR A 318 -8.07 8.96 -19.13
N ARG A 319 -9.07 8.91 -20.01
CA ARG A 319 -9.00 8.07 -21.19
C ARG A 319 -9.27 8.88 -22.46
#